data_4DTK
#
_entry.id   4DTK
#
_cell.length_a   97.444
_cell.length_b   97.444
_cell.length_c   81.363
_cell.angle_alpha   90.00
_cell.angle_beta   90.00
_cell.angle_gamma   120.00
#
_symmetry.space_group_name_H-M   'P 65'
#
loop_
_entity.id
_entity.type
_entity.pdbx_description
1 polymer 'Serine/threonine-protein kinase pim-1'
2 non-polymer 1,2-ETHANEDIOL
3 non-polymer (5Z)-5-{2-[(3R)-3-aminopiperidin-1-yl]-3-(propan-2-yloxy)benzylidene}-1,3-thiazolidine-2,4-dione
4 non-polymer 'SULFATE ION'
5 water water
#
_entity_poly.entity_id   1
_entity_poly.type   'polypeptide(L)'
_entity_poly.pdbx_seq_one_letter_code
;EKEPLESQYQVGPLLGSGGFGSVYSGIRVSDNLPVAIKHVEKDRISDWGELPNGTRVPMEVVLLKKVSSGFSGVIRLLDW
FERPDSFVLILERPEPVQDLFDFITERGALQEELARSFFWQVLEAVRHCHNCGVLHRDIKDENILIDLNRGELKLIDFGS
GALLKDTVYTDFDGTRVYSPPEWIRYHRYHGRSAAVWSLGILLYDMVCGDIPFEHDEEIIRGQVFFRQRVSSECQHLIRW
CLALRPSDRPTFEEIQNHPWMQDVLLPQETAEIHLH
;
_entity_poly.pdbx_strand_id   A
#
loop_
_chem_comp.id
_chem_comp.type
_chem_comp.name
_chem_comp.formula
7LI non-polymer (5Z)-5-{2-[(3R)-3-aminopiperidin-1-yl]-3-(propan-2-yloxy)benzylidene}-1,3-thiazolidine-2,4-dione 'C18 H23 N3 O3 S'
EDO non-polymer 1,2-ETHANEDIOL 'C2 H6 O2'
SO4 non-polymer 'SULFATE ION' 'O4 S -2'
#
# COMPACT_ATOMS: atom_id res chain seq x y z
N PRO A 4 10.91 5.39 -29.20
CA PRO A 4 10.18 4.38 -28.42
C PRO A 4 10.46 4.49 -26.91
N LEU A 5 10.27 3.39 -26.17
CA LEU A 5 10.53 3.31 -24.73
C LEU A 5 12.02 3.48 -24.44
N GLU A 6 12.89 2.73 -25.15
CA GLU A 6 14.34 2.74 -25.01
C GLU A 6 15.01 4.11 -25.21
N SER A 7 14.48 4.92 -26.16
CA SER A 7 15.03 6.25 -26.44
C SER A 7 14.60 7.28 -25.38
N GLN A 8 13.34 7.17 -24.91
CA GLN A 8 12.73 8.06 -23.93
C GLN A 8 13.25 7.93 -22.49
N TYR A 9 13.84 6.77 -22.13
CA TYR A 9 14.28 6.53 -20.75
C TYR A 9 15.68 5.98 -20.64
N GLN A 10 16.45 6.56 -19.71
CA GLN A 10 17.80 6.11 -19.40
C GLN A 10 17.62 5.13 -18.24
N VAL A 11 17.98 3.85 -18.44
CA VAL A 11 17.79 2.80 -17.44
C VAL A 11 18.94 2.80 -16.44
N GLY A 12 18.60 2.78 -15.16
CA GLY A 12 19.58 2.74 -14.09
C GLY A 12 19.58 1.40 -13.38
N PRO A 13 19.98 1.36 -12.09
CA PRO A 13 20.06 0.07 -11.39
C PRO A 13 18.71 -0.56 -11.06
N LEU A 14 18.73 -1.89 -10.91
CA LEU A 14 17.58 -2.68 -10.47
C LEU A 14 17.29 -2.28 -9.02
N LEU A 15 16.06 -1.87 -8.73
CA LEU A 15 15.66 -1.46 -7.37
C LEU A 15 15.11 -2.66 -6.58
N GLY A 16 14.53 -3.61 -7.28
CA GLY A 16 13.95 -4.80 -6.67
C GLY A 16 13.19 -5.66 -7.66
N SER A 17 12.93 -6.90 -7.25
CA SER A 17 12.19 -7.89 -8.02
C SER A 17 11.47 -8.85 -7.07
N GLY A 18 10.40 -9.46 -7.55
CA GLY A 18 9.60 -10.41 -6.79
C GLY A 18 8.28 -10.67 -7.48
N GLY A 19 7.23 -10.90 -6.70
CA GLY A 19 5.88 -11.18 -7.22
C GLY A 19 5.35 -10.13 -8.16
N PHE A 20 5.74 -8.87 -7.93
CA PHE A 20 5.32 -7.69 -8.69
C PHE A 20 6.02 -7.53 -10.06
N GLY A 21 7.15 -8.22 -10.24
CA GLY A 21 7.98 -8.17 -11.45
C GLY A 21 9.40 -7.71 -11.15
N SER A 22 10.02 -6.92 -12.08
CA SER A 22 11.37 -6.34 -11.89
C SER A 22 11.24 -4.83 -12.06
N VAL A 23 11.79 -4.08 -11.09
CA VAL A 23 11.70 -2.62 -11.06
C VAL A 23 13.10 -2.01 -11.12
N TYR A 24 13.29 -1.12 -12.10
CA TYR A 24 14.56 -0.43 -12.31
C TYR A 24 14.39 1.05 -12.03
N SER A 25 15.48 1.68 -11.58
CA SER A 25 15.54 3.13 -11.41
C SER A 25 15.75 3.67 -12.82
N GLY A 26 15.23 4.85 -13.09
CA GLY A 26 15.35 5.45 -14.40
C GLY A 26 15.21 6.95 -14.38
N ILE A 27 15.49 7.56 -15.52
CA ILE A 27 15.41 8.99 -15.74
C ILE A 27 14.74 9.22 -17.10
N ARG A 28 13.68 10.04 -17.12
CA ARG A 28 13.00 10.42 -18.35
C ARG A 28 13.96 11.39 -19.06
N VAL A 29 14.47 11.01 -20.25
CA VAL A 29 15.50 11.78 -20.97
C VAL A 29 15.18 13.25 -21.28
N SER A 30 13.89 13.57 -21.51
CA SER A 30 13.42 14.90 -21.89
C SER A 30 13.64 15.99 -20.83
N ASP A 31 13.19 15.75 -19.59
CA ASP A 31 13.29 16.73 -18.49
C ASP A 31 14.08 16.22 -17.26
N ASN A 32 14.80 15.09 -17.38
CA ASN A 32 15.58 14.44 -16.29
C ASN A 32 14.74 13.98 -15.08
N LEU A 33 13.41 13.87 -15.26
CA LEU A 33 12.49 13.43 -14.19
C LEU A 33 12.86 12.03 -13.68
N PRO A 34 13.05 11.86 -12.35
CA PRO A 34 13.33 10.51 -11.82
C PRO A 34 12.10 9.63 -11.98
N VAL A 35 12.27 8.42 -12.52
CA VAL A 35 11.16 7.48 -12.72
C VAL A 35 11.53 6.07 -12.22
N ALA A 36 10.51 5.21 -12.12
CA ALA A 36 10.71 3.79 -11.81
C ALA A 36 10.16 3.04 -13.01
N ILE A 37 10.90 2.05 -13.48
CA ILE A 37 10.53 1.29 -14.67
C ILE A 37 10.21 -0.13 -14.25
N LYS A 38 8.92 -0.47 -14.26
CA LYS A 38 8.40 -1.76 -13.82
C LYS A 38 8.02 -2.67 -14.97
N HIS A 39 8.66 -3.84 -15.00
CA HIS A 39 8.47 -4.87 -16.03
C HIS A 39 7.63 -5.98 -15.44
N VAL A 40 6.54 -6.30 -16.10
CA VAL A 40 5.62 -7.34 -15.64
C VAL A 40 5.46 -8.34 -16.76
N GLU A 41 5.81 -9.61 -16.52
CA GLU A 41 5.65 -10.57 -17.60
C GLU A 41 4.21 -11.01 -17.83
N LYS A 42 3.82 -11.11 -19.12
CA LYS A 42 2.48 -11.48 -19.59
C LYS A 42 1.95 -12.80 -19.02
N ASP A 43 2.78 -13.87 -19.00
CA ASP A 43 2.38 -15.17 -18.45
C ASP A 43 2.11 -15.18 -16.93
N ARG A 44 2.48 -14.08 -16.24
CA ARG A 44 2.27 -13.95 -14.80
C ARG A 44 1.08 -13.03 -14.47
N ILE A 45 0.43 -12.48 -15.51
CA ILE A 45 -0.74 -11.60 -15.39
C ILE A 45 -2.00 -12.48 -15.51
N SER A 46 -2.75 -12.64 -14.39
CA SER A 46 -3.98 -13.43 -14.33
C SER A 46 -5.20 -12.54 -14.57
N ASP A 47 -5.21 -11.33 -13.97
CA ASP A 47 -6.31 -10.37 -14.08
C ASP A 47 -6.05 -9.33 -15.17
N TRP A 48 -6.96 -9.29 -16.16
CA TRP A 48 -6.91 -8.37 -17.30
C TRP A 48 -8.15 -7.49 -17.29
N GLY A 49 -8.00 -6.29 -17.84
CA GLY A 49 -9.07 -5.30 -17.92
C GLY A 49 -9.07 -4.51 -19.21
N GLU A 50 -9.94 -3.50 -19.26
CA GLU A 50 -10.09 -2.63 -20.42
C GLU A 50 -10.13 -1.16 -20.03
N LEU A 51 -9.42 -0.34 -20.81
CA LEU A 51 -9.33 1.12 -20.62
C LEU A 51 -10.60 1.78 -21.16
N PRO A 52 -10.94 3.07 -20.82
CA PRO A 52 -12.15 3.70 -21.39
C PRO A 52 -12.24 3.67 -22.92
N ASN A 53 -11.11 3.45 -23.61
CA ASN A 53 -11.02 3.34 -25.07
C ASN A 53 -11.29 1.90 -25.58
N GLY A 54 -11.04 0.91 -24.72
CA GLY A 54 -11.29 -0.51 -25.02
C GLY A 54 -10.09 -1.43 -25.21
N THR A 55 -8.86 -0.93 -24.95
CA THR A 55 -7.62 -1.72 -25.11
C THR A 55 -7.46 -2.76 -23.98
N ARG A 56 -7.01 -3.99 -24.33
CA ARG A 56 -6.75 -5.07 -23.39
C ARG A 56 -5.38 -4.88 -22.72
N VAL A 57 -5.41 -4.44 -21.45
CA VAL A 57 -4.21 -4.15 -20.65
C VAL A 57 -4.29 -4.91 -19.32
N PRO A 58 -3.18 -5.10 -18.55
CA PRO A 58 -3.33 -5.74 -17.23
C PRO A 58 -4.23 -4.89 -16.33
N MET A 59 -4.94 -5.54 -15.40
CA MET A 59 -5.78 -4.88 -14.40
C MET A 59 -4.96 -3.79 -13.65
N GLU A 60 -3.68 -4.08 -13.38
CA GLU A 60 -2.80 -3.12 -12.72
C GLU A 60 -2.81 -1.75 -13.43
N VAL A 61 -2.75 -1.73 -14.79
CA VAL A 61 -2.80 -0.49 -15.58
C VAL A 61 -4.17 0.20 -15.44
N VAL A 62 -5.28 -0.57 -15.50
CA VAL A 62 -6.65 -0.06 -15.36
C VAL A 62 -6.76 0.66 -14.00
N LEU A 63 -6.36 -0.03 -12.91
CA LEU A 63 -6.41 0.50 -11.54
C LEU A 63 -5.56 1.76 -11.36
N LEU A 64 -4.34 1.76 -11.91
CA LEU A 64 -3.43 2.91 -11.83
C LEU A 64 -4.02 4.13 -12.51
N LYS A 65 -4.65 3.93 -13.69
CA LYS A 65 -5.28 5.04 -14.43
C LYS A 65 -6.48 5.59 -13.66
N LYS A 66 -7.26 4.71 -12.98
CA LYS A 66 -8.42 5.13 -12.17
C LYS A 66 -8.00 6.00 -10.97
N VAL A 67 -6.85 5.67 -10.34
CA VAL A 67 -6.33 6.41 -9.18
C VAL A 67 -5.44 7.60 -9.54
N SER A 68 -5.05 7.70 -10.83
CA SER A 68 -4.19 8.78 -11.33
C SER A 68 -4.78 10.16 -11.02
N SER A 69 -3.98 11.01 -10.35
CA SER A 69 -4.34 12.40 -10.00
C SER A 69 -3.13 13.15 -9.41
N GLY A 70 -3.31 14.43 -9.16
CA GLY A 70 -2.31 15.29 -8.53
C GLY A 70 -2.08 14.97 -7.06
N PHE A 71 -3.02 14.21 -6.43
CA PHE A 71 -2.93 13.80 -5.02
C PHE A 71 -1.70 12.92 -4.87
N SER A 72 -0.72 13.37 -4.08
CA SER A 72 0.55 12.68 -3.94
C SER A 72 0.57 11.39 -3.08
N GLY A 73 -0.55 11.06 -2.43
CA GLY A 73 -0.65 9.89 -1.56
C GLY A 73 -0.66 8.55 -2.26
N VAL A 74 -0.90 8.55 -3.59
CA VAL A 74 -0.94 7.32 -4.37
C VAL A 74 0.04 7.50 -5.55
N ILE A 75 0.81 6.45 -5.90
CA ILE A 75 1.76 6.49 -7.02
C ILE A 75 1.05 6.91 -8.34
N ARG A 76 1.75 7.71 -9.15
CA ARG A 76 1.21 8.14 -10.43
C ARG A 76 1.85 7.36 -11.58
N LEU A 77 1.02 6.73 -12.41
CA LEU A 77 1.46 6.04 -13.62
C LEU A 77 1.70 7.13 -14.69
N LEU A 78 2.95 7.28 -15.15
CA LEU A 78 3.31 8.29 -16.14
C LEU A 78 3.11 7.86 -17.58
N ASP A 79 3.33 6.56 -17.85
CA ASP A 79 3.18 5.95 -19.19
C ASP A 79 3.26 4.44 -19.05
N TRP A 80 2.95 3.72 -20.13
CA TRP A 80 3.02 2.26 -20.17
C TRP A 80 3.27 1.83 -21.60
N PHE A 81 3.87 0.65 -21.78
CA PHE A 81 4.24 0.10 -23.07
C PHE A 81 3.99 -1.39 -23.11
N GLU A 82 3.58 -1.91 -24.26
CA GLU A 82 3.41 -3.34 -24.46
C GLU A 82 4.60 -3.87 -25.26
N ARG A 83 5.15 -5.00 -24.83
CA ARG A 83 6.26 -5.70 -25.49
C ARG A 83 5.78 -7.10 -25.84
N PRO A 84 6.47 -7.91 -26.67
CA PRO A 84 5.95 -9.25 -26.99
C PRO A 84 5.56 -10.13 -25.80
N ASP A 85 6.38 -10.17 -24.72
CA ASP A 85 6.16 -11.03 -23.55
C ASP A 85 5.94 -10.30 -22.24
N SER A 86 5.83 -8.97 -22.27
CA SER A 86 5.70 -8.19 -21.05
C SER A 86 5.04 -6.84 -21.27
N PHE A 87 4.70 -6.19 -20.14
CA PHE A 87 4.24 -4.81 -20.07
C PHE A 87 5.29 -4.04 -19.28
N VAL A 88 5.56 -2.82 -19.70
CA VAL A 88 6.51 -1.93 -19.04
C VAL A 88 5.72 -0.71 -18.57
N LEU A 89 5.77 -0.43 -17.24
CA LEU A 89 5.09 0.67 -16.58
C LEU A 89 6.11 1.72 -16.16
N ILE A 90 5.85 2.98 -16.49
CA ILE A 90 6.70 4.10 -16.06
C ILE A 90 5.97 4.78 -14.92
N LEU A 91 6.55 4.73 -13.74
CA LEU A 91 5.94 5.27 -12.55
C LEU A 91 6.80 6.37 -11.97
N GLU A 92 6.21 7.26 -11.17
CA GLU A 92 7.00 8.30 -10.53
C GLU A 92 7.96 7.67 -9.50
N ARG A 93 9.05 8.38 -9.21
CA ARG A 93 10.03 7.92 -8.25
C ARG A 93 10.46 9.10 -7.41
N PRO A 94 9.99 9.20 -6.14
CA PRO A 94 10.46 10.28 -5.27
C PRO A 94 11.95 10.08 -4.99
N GLU A 95 12.67 11.16 -4.68
CA GLU A 95 14.11 11.12 -4.43
C GLU A 95 14.50 12.27 -3.48
N PRO A 96 15.08 11.98 -2.29
CA PRO A 96 15.37 10.66 -1.71
C PRO A 96 14.08 9.99 -1.24
N VAL A 97 14.10 8.65 -1.24
CA VAL A 97 12.96 7.79 -0.88
C VAL A 97 13.48 6.54 -0.18
N GLN A 98 12.60 5.93 0.62
CA GLN A 98 12.80 4.67 1.31
C GLN A 98 11.44 4.04 1.51
N ASP A 99 11.32 2.73 1.28
CA ASP A 99 10.04 2.11 1.53
C ASP A 99 9.89 1.91 3.04
N LEU A 100 8.67 1.76 3.48
CA LEU A 100 8.39 1.65 4.91
C LEU A 100 8.96 0.39 5.56
N PHE A 101 9.04 -0.72 4.83
CA PHE A 101 9.64 -1.96 5.32
C PHE A 101 11.10 -1.69 5.71
N ASP A 102 11.87 -1.05 4.81
CA ASP A 102 13.29 -0.71 5.06
C ASP A 102 13.45 0.28 6.19
N PHE A 103 12.56 1.26 6.25
CA PHE A 103 12.54 2.29 7.29
C PHE A 103 12.38 1.67 8.69
N ILE A 104 11.36 0.81 8.85
CA ILE A 104 11.06 0.11 10.11
C ILE A 104 12.18 -0.85 10.41
N THR A 105 12.68 -1.59 9.39
CA THR A 105 13.83 -2.50 9.61
C THR A 105 15.02 -1.75 10.21
N GLU A 106 15.35 -0.58 9.65
CA GLU A 106 16.48 0.24 10.09
C GLU A 106 16.27 0.95 11.41
N ARG A 107 15.07 1.48 11.64
CA ARG A 107 14.82 2.29 12.82
C ARG A 107 14.14 1.61 13.99
N GLY A 108 13.58 0.42 13.76
CA GLY A 108 12.83 -0.31 14.78
C GLY A 108 11.42 0.28 14.92
N ALA A 109 10.74 -0.06 16.03
CA ALA A 109 9.39 0.45 16.33
C ALA A 109 9.37 1.97 16.27
N LEU A 110 8.32 2.52 15.65
CA LEU A 110 8.21 3.97 15.48
C LEU A 110 7.57 4.64 16.67
N GLN A 111 8.04 5.87 16.98
CA GLN A 111 7.42 6.70 18.01
C GLN A 111 5.96 6.92 17.58
N GLU A 112 5.03 6.94 18.54
CA GLU A 112 3.61 7.06 18.18
C GLU A 112 3.27 8.30 17.36
N GLU A 113 3.94 9.44 17.63
CA GLU A 113 3.69 10.66 16.85
C GLU A 113 4.00 10.40 15.36
N LEU A 114 5.11 9.69 15.09
CA LEU A 114 5.52 9.36 13.71
C LEU A 114 4.53 8.36 13.10
N ALA A 115 4.19 7.29 13.86
CA ALA A 115 3.23 6.27 13.41
C ALA A 115 1.87 6.92 13.09
N ARG A 116 1.42 7.88 13.93
CA ARG A 116 0.15 8.59 13.72
C ARG A 116 0.20 9.34 12.38
N SER A 117 1.28 10.10 12.13
CA SER A 117 1.41 10.83 10.87
C SER A 117 1.40 9.87 9.68
N PHE A 118 2.19 8.79 9.76
CA PHE A 118 2.28 7.81 8.68
C PHE A 118 0.93 7.11 8.46
N PHE A 119 0.32 6.63 9.54
CA PHE A 119 -0.96 5.91 9.45
C PHE A 119 -2.09 6.78 8.89
N TRP A 120 -2.16 8.06 9.31
CA TRP A 120 -3.14 9.03 8.80
C TRP A 120 -2.99 9.16 7.28
N GLN A 121 -1.74 9.32 6.81
CA GLN A 121 -1.48 9.48 5.37
C GLN A 121 -1.87 8.22 4.60
N VAL A 122 -1.63 7.03 5.19
CA VAL A 122 -2.03 5.78 4.53
C VAL A 122 -3.57 5.75 4.43
N LEU A 123 -4.26 6.16 5.50
CA LEU A 123 -5.72 6.16 5.50
CA LEU A 123 -5.72 6.19 5.52
C LEU A 123 -6.27 7.08 4.42
N GLU A 124 -5.68 8.28 4.26
CA GLU A 124 -6.10 9.22 3.21
C GLU A 124 -5.86 8.60 1.82
N ALA A 125 -4.70 7.92 1.62
CA ALA A 125 -4.35 7.26 0.35
C ALA A 125 -5.37 6.12 0.02
N VAL A 126 -5.73 5.27 1.01
CA VAL A 126 -6.71 4.19 0.84
C VAL A 126 -8.10 4.75 0.55
N ARG A 127 -8.48 5.86 1.23
CA ARG A 127 -9.81 6.47 0.93
C ARG A 127 -9.81 6.97 -0.50
N HIS A 128 -8.66 7.53 -0.99
CA HIS A 128 -8.57 7.99 -2.39
C HIS A 128 -8.81 6.82 -3.34
N CYS A 129 -8.13 5.65 -3.11
CA CYS A 129 -8.33 4.46 -3.95
C CYS A 129 -9.81 4.07 -3.98
N HIS A 130 -10.41 3.91 -2.79
CA HIS A 130 -11.84 3.56 -2.66
C HIS A 130 -12.78 4.55 -3.37
N ASN A 131 -12.51 5.88 -3.26
CA ASN A 131 -13.33 6.91 -3.92
C ASN A 131 -13.23 6.77 -5.44
N CYS A 132 -12.10 6.26 -5.94
CA CYS A 132 -11.82 6.04 -7.36
C CYS A 132 -12.32 4.67 -7.85
N GLY A 133 -12.96 3.89 -6.97
CA GLY A 133 -13.49 2.56 -7.27
C GLY A 133 -12.43 1.47 -7.35
N VAL A 134 -11.30 1.64 -6.62
CA VAL A 134 -10.17 0.70 -6.62
C VAL A 134 -9.92 0.14 -5.22
N LEU A 135 -9.76 -1.17 -5.13
CA LEU A 135 -9.39 -1.85 -3.90
C LEU A 135 -7.94 -2.33 -4.07
N HIS A 136 -7.04 -1.86 -3.20
CA HIS A 136 -5.61 -2.17 -3.30
C HIS A 136 -5.28 -3.67 -3.07
N ARG A 137 -5.81 -4.24 -1.98
CA ARG A 137 -5.65 -5.66 -1.63
C ARG A 137 -4.25 -6.10 -1.19
N ASP A 138 -3.31 -5.16 -1.05
CA ASP A 138 -1.99 -5.52 -0.58
C ASP A 138 -1.36 -4.41 0.21
N ILE A 139 -2.15 -3.80 1.10
CA ILE A 139 -1.64 -2.72 1.94
C ILE A 139 -0.62 -3.36 2.92
N LYS A 140 0.61 -2.89 2.89
CA LYS A 140 1.69 -3.37 3.77
C LYS A 140 2.89 -2.41 3.65
N ASP A 141 3.80 -2.49 4.63
CA ASP A 141 5.02 -1.66 4.69
C ASP A 141 5.83 -1.62 3.36
N GLU A 142 5.97 -2.77 2.67
CA GLU A 142 6.73 -2.85 1.40
C GLU A 142 6.08 -2.05 0.28
N ASN A 143 4.74 -1.85 0.36
CA ASN A 143 3.97 -1.12 -0.63
C ASN A 143 3.70 0.34 -0.27
N ILE A 144 4.54 0.88 0.62
CA ILE A 144 4.42 2.29 1.02
C ILE A 144 5.81 2.95 0.86
N LEU A 145 5.89 4.05 0.10
CA LEU A 145 7.14 4.79 -0.05
C LEU A 145 7.09 6.00 0.83
N ILE A 146 8.24 6.36 1.39
CA ILE A 146 8.32 7.59 2.19
C ILE A 146 9.13 8.60 1.37
N ASP A 147 8.54 9.76 1.02
CA ASP A 147 9.24 10.84 0.35
C ASP A 147 9.94 11.56 1.52
N LEU A 148 11.23 11.25 1.73
CA LEU A 148 12.04 11.73 2.85
C LEU A 148 12.14 13.25 3.04
N ASN A 149 12.17 14.03 1.95
CA ASN A 149 12.26 15.50 2.06
C ASN A 149 10.93 16.14 2.46
N ARG A 150 9.83 15.60 1.95
CA ARG A 150 8.48 16.13 2.18
C ARG A 150 7.69 15.50 3.34
N GLY A 151 8.15 14.34 3.82
CA GLY A 151 7.47 13.58 4.89
C GLY A 151 6.14 13.01 4.40
N GLU A 152 6.01 12.88 3.06
CA GLU A 152 4.81 12.40 2.39
C GLU A 152 4.92 10.92 2.04
N LEU A 153 3.88 10.15 2.33
CA LEU A 153 3.89 8.73 2.00
C LEU A 153 3.15 8.49 0.69
N LYS A 154 3.53 7.42 -0.04
CA LYS A 154 2.88 7.03 -1.30
C LYS A 154 2.54 5.57 -1.28
N LEU A 155 1.29 5.24 -1.59
CA LEU A 155 0.85 3.86 -1.71
C LEU A 155 1.19 3.43 -3.15
N ILE A 156 1.83 2.27 -3.27
CA ILE A 156 2.28 1.76 -4.57
C ILE A 156 1.80 0.33 -4.78
N ASP A 157 2.05 -0.20 -6.00
CA ASP A 157 1.83 -1.58 -6.38
C ASP A 157 0.38 -2.04 -6.33
N PHE A 158 -0.30 -1.81 -7.45
CA PHE A 158 -1.68 -2.20 -7.64
C PHE A 158 -1.79 -3.56 -8.36
N GLY A 159 -0.68 -4.32 -8.37
CA GLY A 159 -0.61 -5.62 -9.02
C GLY A 159 -1.49 -6.73 -8.49
N SER A 160 -1.99 -6.60 -7.25
CA SER A 160 -2.89 -7.59 -6.63
C SER A 160 -4.29 -7.01 -6.43
N GLY A 161 -4.51 -5.80 -6.93
CA GLY A 161 -5.75 -5.07 -6.72
C GLY A 161 -6.92 -5.54 -7.55
N ALA A 162 -8.08 -4.90 -7.34
CA ALA A 162 -9.30 -5.19 -8.08
C ALA A 162 -10.17 -3.95 -8.11
N LEU A 163 -11.18 -3.95 -8.98
CA LEU A 163 -12.20 -2.91 -8.97
C LEU A 163 -12.93 -3.12 -7.62
N LEU A 164 -13.26 -2.03 -6.94
CA LEU A 164 -14.00 -2.09 -5.69
C LEU A 164 -15.47 -2.50 -5.99
N LYS A 165 -16.00 -3.46 -5.22
CA LYS A 165 -17.38 -3.94 -5.34
C LYS A 165 -17.93 -4.18 -3.93
N ASP A 166 -19.27 -4.26 -3.80
CA ASP A 166 -19.96 -4.47 -2.53
C ASP A 166 -20.28 -5.94 -2.27
N THR A 167 -20.07 -6.80 -3.28
CA THR A 167 -20.29 -8.25 -3.17
C THR A 167 -19.00 -8.91 -2.68
N VAL A 168 -19.08 -10.19 -2.36
CA VAL A 168 -17.96 -10.97 -1.80
C VAL A 168 -16.81 -11.22 -2.78
N TYR A 169 -15.57 -11.16 -2.28
CA TYR A 169 -14.40 -11.54 -3.07
C TYR A 169 -14.06 -12.97 -2.65
N THR A 170 -13.75 -13.83 -3.62
CA THR A 170 -13.42 -15.24 -3.40
C THR A 170 -12.03 -15.56 -3.95
N ASP A 171 -11.32 -14.54 -4.43
CA ASP A 171 -9.96 -14.63 -4.96
C ASP A 171 -9.09 -13.66 -4.16
N PHE A 172 -7.82 -14.01 -3.96
CA PHE A 172 -6.86 -13.17 -3.24
C PHE A 172 -5.45 -13.58 -3.64
N ASP A 173 -4.59 -12.59 -3.94
CA ASP A 173 -3.20 -12.83 -4.28
C ASP A 173 -2.29 -11.76 -3.65
N GLY A 174 -2.75 -11.18 -2.55
CA GLY A 174 -1.96 -10.23 -1.78
C GLY A 174 -1.08 -10.98 -0.79
N THR A 175 -0.71 -10.35 0.32
CA THR A 175 0.18 -10.96 1.34
C THR A 175 -0.63 -11.72 2.38
N ARG A 176 -0.38 -13.05 2.52
CA ARG A 176 -1.13 -13.88 3.47
C ARG A 176 -1.17 -13.37 4.92
N VAL A 177 -0.01 -12.95 5.47
CA VAL A 177 0.13 -12.48 6.86
C VAL A 177 -0.61 -11.17 7.13
N TYR A 178 -1.09 -10.51 6.07
CA TYR A 178 -1.90 -9.28 6.14
C TYR A 178 -3.37 -9.60 5.82
N SER A 179 -3.66 -10.87 5.42
CA SER A 179 -5.03 -11.27 5.04
C SER A 179 -5.92 -11.57 6.26
N PRO A 180 -7.24 -11.32 6.16
CA PRO A 180 -8.09 -11.47 7.34
C PRO A 180 -8.50 -12.91 7.65
N PRO A 181 -9.00 -13.15 8.89
CA PRO A 181 -9.39 -14.50 9.29
C PRO A 181 -10.51 -15.11 8.45
N GLU A 182 -11.46 -14.28 7.92
CA GLU A 182 -12.54 -14.78 7.02
C GLU A 182 -11.95 -15.31 5.70
N TRP A 183 -10.84 -14.74 5.20
CA TRP A 183 -10.17 -15.25 4.01
C TRP A 183 -9.49 -16.59 4.36
N ILE A 184 -8.73 -16.61 5.46
CA ILE A 184 -8.07 -17.85 5.93
C ILE A 184 -9.07 -19.00 6.15
N ARG A 185 -10.15 -18.73 6.91
CA ARG A 185 -11.14 -19.76 7.23
C ARG A 185 -12.08 -20.11 6.07
N TYR A 186 -12.68 -19.09 5.43
CA TYR A 186 -13.74 -19.29 4.44
C TYR A 186 -13.42 -19.00 2.99
N HIS A 187 -12.26 -18.38 2.71
CA HIS A 187 -11.88 -18.01 1.33
C HIS A 187 -12.89 -17.01 0.75
N ARG A 188 -13.41 -16.13 1.63
CA ARG A 188 -14.41 -15.10 1.34
C ARG A 188 -14.09 -13.88 2.17
N TYR A 189 -14.22 -12.68 1.59
CA TYR A 189 -14.03 -11.42 2.29
C TYR A 189 -14.73 -10.32 1.51
N HIS A 190 -15.03 -9.21 2.20
CA HIS A 190 -15.62 -8.01 1.61
C HIS A 190 -14.49 -6.98 1.61
N GLY A 191 -14.45 -6.16 0.56
CA GLY A 191 -13.33 -5.25 0.33
C GLY A 191 -12.91 -4.33 1.46
N ARG A 192 -13.84 -3.52 1.94
CA ARG A 192 -13.58 -2.51 2.96
C ARG A 192 -13.14 -3.10 4.29
N SER A 193 -13.86 -4.11 4.80
CA SER A 193 -13.50 -4.73 6.08
C SER A 193 -12.18 -5.52 6.00
N ALA A 194 -11.84 -6.09 4.82
CA ALA A 194 -10.53 -6.77 4.68
C ALA A 194 -9.41 -5.71 4.67
N ALA A 195 -9.68 -4.53 4.05
CA ALA A 195 -8.72 -3.43 4.00
C ALA A 195 -8.44 -2.93 5.44
N VAL A 196 -9.48 -2.82 6.29
CA VAL A 196 -9.35 -2.37 7.70
C VAL A 196 -8.49 -3.36 8.49
N TRP A 197 -8.70 -4.68 8.29
CA TRP A 197 -7.84 -5.69 8.94
C TRP A 197 -6.38 -5.43 8.58
N SER A 198 -6.06 -5.31 7.28
CA SER A 198 -4.68 -5.10 6.85
C SER A 198 -4.09 -3.81 7.45
N LEU A 199 -4.94 -2.76 7.62
CA LEU A 199 -4.53 -1.50 8.26
C LEU A 199 -4.18 -1.73 9.74
N GLY A 200 -4.91 -2.60 10.42
CA GLY A 200 -4.60 -3.01 11.80
C GLY A 200 -3.23 -3.70 11.87
N ILE A 201 -2.94 -4.60 10.92
CA ILE A 201 -1.62 -5.28 10.82
C ILE A 201 -0.52 -4.23 10.61
N LEU A 202 -0.74 -3.31 9.67
CA LEU A 202 0.22 -2.26 9.37
C LEU A 202 0.48 -1.36 10.60
N LEU A 203 -0.58 -0.92 11.31
CA LEU A 203 -0.40 -0.05 12.45
C LEU A 203 0.40 -0.75 13.56
N TYR A 204 0.05 -2.02 13.85
CA TYR A 204 0.80 -2.86 14.82
C TYR A 204 2.27 -2.90 14.35
N ASP A 205 2.51 -3.17 13.05
CA ASP A 205 3.87 -3.24 12.53
C ASP A 205 4.63 -1.95 12.77
N MET A 206 3.99 -0.78 12.60
CA MET A 206 4.63 0.51 12.80
C MET A 206 5.03 0.73 14.27
N VAL A 207 4.13 0.42 15.20
CA VAL A 207 4.39 0.69 16.63
C VAL A 207 5.13 -0.42 17.38
N CYS A 208 5.19 -1.65 16.81
CA CYS A 208 5.90 -2.77 17.43
C CYS A 208 7.17 -3.15 16.69
N GLY A 209 7.28 -2.73 15.43
CA GLY A 209 8.46 -3.04 14.61
C GLY A 209 8.43 -4.41 13.94
N ASP A 210 7.31 -5.15 14.07
CA ASP A 210 7.08 -6.46 13.45
C ASP A 210 5.57 -6.74 13.37
N ILE A 211 5.16 -7.67 12.52
CA ILE A 211 3.73 -8.01 12.35
C ILE A 211 3.19 -8.83 13.56
N PRO A 212 1.87 -8.78 13.90
CA PRO A 212 1.42 -9.52 15.08
C PRO A 212 1.25 -11.03 14.93
N PHE A 213 1.02 -11.50 13.70
CA PHE A 213 0.74 -12.91 13.45
C PHE A 213 1.64 -13.49 12.37
N GLU A 214 2.07 -14.73 12.57
CA GLU A 214 2.92 -15.41 11.61
C GLU A 214 2.11 -16.52 10.92
N HIS A 215 1.48 -17.40 11.69
CA HIS A 215 0.73 -18.55 11.17
C HIS A 215 -0.76 -18.31 11.00
N ASP A 216 -1.40 -19.16 10.15
CA ASP A 216 -2.84 -19.13 9.90
C ASP A 216 -3.63 -19.25 11.21
N GLU A 217 -3.19 -20.15 12.11
CA GLU A 217 -3.79 -20.40 13.43
C GLU A 217 -3.81 -19.12 14.28
N GLU A 218 -2.72 -18.35 14.22
CA GLU A 218 -2.61 -17.08 14.97
C GLU A 218 -3.60 -16.06 14.42
N ILE A 219 -3.71 -15.98 13.08
CA ILE A 219 -4.65 -15.02 12.43
C ILE A 219 -6.10 -15.35 12.85
N ILE A 220 -6.48 -16.64 12.81
CA ILE A 220 -7.81 -17.14 13.15
C ILE A 220 -8.15 -16.88 14.64
N ARG A 221 -7.16 -17.07 15.52
CA ARG A 221 -7.37 -16.82 16.96
C ARG A 221 -7.52 -15.31 17.21
N GLY A 222 -6.73 -14.51 16.50
CA GLY A 222 -6.73 -13.05 16.56
C GLY A 222 -6.38 -12.45 17.92
N GLN A 223 -5.61 -13.20 18.76
CA GLN A 223 -5.22 -12.68 20.07
C GLN A 223 -4.03 -11.74 19.84
N VAL A 224 -4.21 -10.46 20.16
CA VAL A 224 -3.17 -9.45 19.92
C VAL A 224 -2.32 -9.28 21.19
N PHE A 225 -1.03 -9.56 21.10
CA PHE A 225 -0.06 -9.41 22.20
C PHE A 225 0.87 -8.24 21.84
N PHE A 226 1.06 -7.26 22.74
CA PHE A 226 1.98 -6.14 22.48
C PHE A 226 3.34 -6.44 23.09
N ARG A 227 4.35 -6.55 22.23
CA ARG A 227 5.74 -6.85 22.61
C ARG A 227 6.52 -5.58 23.02
N GLN A 228 6.00 -4.41 22.61
CA GLN A 228 6.57 -3.08 22.89
C GLN A 228 5.59 -2.27 23.74
N ARG A 229 6.08 -1.23 24.38
CA ARG A 229 5.24 -0.31 25.12
C ARG A 229 4.43 0.51 24.10
N VAL A 230 3.11 0.35 24.11
CA VAL A 230 2.20 1.05 23.19
C VAL A 230 1.08 1.65 24.05
N SER A 231 0.67 2.90 23.76
CA SER A 231 -0.39 3.56 24.51
C SER A 231 -1.69 2.78 24.46
N SER A 232 -2.52 2.96 25.48
CA SER A 232 -3.82 2.31 25.56
C SER A 232 -4.74 2.66 24.37
N GLU A 233 -4.76 3.94 23.97
CA GLU A 233 -5.59 4.39 22.81
C GLU A 233 -5.11 3.71 21.53
N CYS A 234 -3.79 3.63 21.32
CA CYS A 234 -3.26 2.97 20.12
C CYS A 234 -3.60 1.47 20.11
N GLN A 235 -3.41 0.78 21.25
CA GLN A 235 -3.74 -0.64 21.39
C GLN A 235 -5.23 -0.86 21.08
N HIS A 236 -6.11 0.02 21.61
CA HIS A 236 -7.56 -0.05 21.40
C HIS A 236 -7.88 0.06 19.90
N LEU A 237 -7.24 1.02 19.20
CA LEU A 237 -7.47 1.19 17.75
C LEU A 237 -7.02 -0.06 16.99
N ILE A 238 -5.82 -0.56 17.29
CA ILE A 238 -5.31 -1.79 16.65
C ILE A 238 -6.28 -2.96 16.87
N ARG A 239 -6.63 -3.22 18.13
CA ARG A 239 -7.53 -4.34 18.47
C ARG A 239 -8.91 -4.21 17.77
N TRP A 240 -9.36 -2.97 17.53
CA TRP A 240 -10.62 -2.70 16.85
C TRP A 240 -10.51 -3.08 15.35
N CYS A 241 -9.42 -2.65 14.67
CA CYS A 241 -9.15 -2.98 13.26
C CYS A 241 -9.00 -4.48 13.08
N LEU A 242 -8.43 -5.15 14.11
CA LEU A 242 -8.21 -6.60 14.13
C LEU A 242 -9.34 -7.42 14.75
N ALA A 243 -10.56 -6.87 14.78
CA ALA A 243 -11.72 -7.61 15.28
C ALA A 243 -11.91 -8.86 14.39
N LEU A 244 -12.14 -10.05 15.01
CA LEU A 244 -12.34 -11.30 14.26
C LEU A 244 -13.56 -11.21 13.35
N ARG A 245 -14.65 -10.62 13.84
CA ARG A 245 -15.87 -10.47 13.02
C ARG A 245 -15.72 -9.24 12.14
N PRO A 246 -15.81 -9.38 10.79
CA PRO A 246 -15.63 -8.20 9.91
C PRO A 246 -16.57 -7.03 10.27
N SER A 247 -17.83 -7.33 10.69
CA SER A 247 -18.81 -6.30 11.07
C SER A 247 -18.44 -5.58 12.40
N ASP A 248 -17.51 -6.13 13.19
CA ASP A 248 -17.04 -5.47 14.42
C ASP A 248 -15.89 -4.49 14.15
N ARG A 249 -15.38 -4.45 12.90
CA ARG A 249 -14.26 -3.58 12.55
C ARG A 249 -14.73 -2.14 12.34
N PRO A 250 -13.88 -1.13 12.63
CA PRO A 250 -14.32 0.27 12.39
C PRO A 250 -14.35 0.57 10.89
N THR A 251 -15.11 1.58 10.50
CA THR A 251 -15.10 2.10 9.12
C THR A 251 -13.88 3.05 9.06
N PHE A 252 -13.51 3.57 7.86
CA PHE A 252 -12.40 4.54 7.75
C PHE A 252 -12.72 5.81 8.57
N GLU A 253 -13.99 6.24 8.58
CA GLU A 253 -14.41 7.42 9.35
C GLU A 253 -14.18 7.20 10.83
N GLU A 254 -14.57 6.02 11.35
CA GLU A 254 -14.40 5.69 12.77
C GLU A 254 -12.91 5.61 13.14
N ILE A 255 -12.08 5.11 12.23
CA ILE A 255 -10.61 5.09 12.48
C ILE A 255 -10.12 6.54 12.59
N GLN A 256 -10.46 7.39 11.61
CA GLN A 256 -9.99 8.79 11.59
C GLN A 256 -10.55 9.66 12.70
N ASN A 257 -11.69 9.25 13.29
CA ASN A 257 -12.30 9.95 14.44
C ASN A 257 -11.84 9.35 15.78
N HIS A 258 -11.01 8.28 15.76
CA HIS A 258 -10.53 7.65 17.00
C HIS A 258 -9.67 8.64 17.82
N PRO A 259 -9.73 8.63 19.17
CA PRO A 259 -8.90 9.58 19.95
C PRO A 259 -7.40 9.46 19.68
N TRP A 260 -6.89 8.27 19.31
CA TRP A 260 -5.46 8.15 18.98
C TRP A 260 -5.08 8.94 17.72
N MET A 261 -6.04 9.12 16.79
CA MET A 261 -5.77 9.81 15.51
C MET A 261 -5.84 11.34 15.56
N GLN A 262 -6.10 11.90 16.74
CA GLN A 262 -6.23 13.35 16.83
C GLN A 262 -4.87 14.08 16.84
N ASP A 263 -4.84 15.33 16.35
CA ASP A 263 -3.67 16.21 16.31
C ASP A 263 -2.49 15.65 15.51
N VAL A 264 -2.78 15.12 14.33
CA VAL A 264 -1.75 14.56 13.44
C VAL A 264 -0.82 15.71 12.99
N LEU A 265 0.48 15.42 12.86
CA LEU A 265 1.43 16.37 12.32
C LEU A 265 1.19 16.51 10.82
N LEU A 266 1.58 17.66 10.27
CA LEU A 266 1.56 17.91 8.84
C LEU A 266 2.75 17.10 8.25
N PRO A 267 2.71 16.65 6.98
CA PRO A 267 3.87 15.89 6.44
C PRO A 267 5.20 16.65 6.58
N GLN A 268 5.22 17.99 6.32
CA GLN A 268 6.45 18.77 6.46
C GLN A 268 6.99 18.81 7.90
N GLU A 269 6.07 18.91 8.91
CA GLU A 269 6.45 18.89 10.32
C GLU A 269 7.04 17.50 10.67
N THR A 270 6.47 16.43 10.08
CA THR A 270 6.90 15.05 10.24
C THR A 270 8.34 14.89 9.72
N ALA A 271 8.63 15.44 8.52
CA ALA A 271 9.98 15.39 7.93
C ALA A 271 10.98 16.16 8.82
N GLU A 272 10.61 17.36 9.28
CA GLU A 272 11.46 18.21 10.13
C GLU A 272 11.85 17.54 11.46
N ILE A 273 10.88 16.90 12.14
CA ILE A 273 11.09 16.26 13.44
C ILE A 273 11.73 14.87 13.36
N HIS A 274 11.23 14.02 12.45
CA HIS A 274 11.60 12.60 12.37
C HIS A 274 12.45 12.13 11.21
N LEU A 275 12.48 12.88 10.11
CA LEU A 275 13.22 12.44 8.92
C LEU A 275 14.41 13.33 8.60
N HIS A 276 14.72 14.29 9.50
CA HIS A 276 15.80 15.28 9.40
C HIS A 276 17.15 14.70 8.98
C1 EDO B . 11.34 5.95 16.38
O1 EDO B . 10.54 6.76 15.53
C2 EDO B . 12.38 5.17 15.56
O2 EDO B . 13.01 6.05 14.62
C1 EDO C . 1.86 3.26 -25.34
O1 EDO C . 0.84 2.27 -25.41
C2 EDO C . 1.27 4.63 -24.93
O2 EDO C . 0.34 4.51 -23.85
C1 EDO D . 3.25 4.80 25.75
O1 EDO D . 2.00 5.19 26.27
C2 EDO D . 3.47 5.37 24.36
O2 EDO D . 4.34 4.49 23.67
C1 EDO E . -4.27 -2.50 27.53
O1 EDO E . -3.81 -1.17 27.50
C2 EDO E . -3.12 -3.46 27.87
O2 EDO E . -3.57 -4.77 27.58
C1 EDO F . 9.44 -4.19 8.81
O1 EDO F . 8.26 -3.36 8.82
C2 EDO F . 9.41 -5.17 9.99
O2 EDO F . 8.19 -5.88 9.93
C1 EDO G . 4.22 9.82 21.13
O1 EDO G . 5.22 10.09 20.14
C2 EDO G . 3.32 11.05 21.50
O2 EDO G . 2.34 11.36 20.49
C1 EDO H . -18.23 -2.84 16.90
O1 EDO H . -17.59 -3.05 18.15
C2 EDO H . -17.81 -1.45 16.35
O2 EDO H . -17.98 -1.45 14.95
C 7LI I . 13.68 2.98 -4.53
N 7LI I . 10.17 -0.07 -5.36
O 7LI I . 11.54 2.06 -4.42
S 7LI I . 5.71 1.65 -7.94
C1 7LI I . 12.37 3.09 -3.81
N1 7LI I . 9.18 -2.17 -2.42
O1 7LI I . 6.59 -2.09 -7.86
C2 7LI I . 12.48 2.76 -2.37
N2 7LI I . 4.75 -0.72 -8.21
O2 7LI I . 3.19 0.96 -8.43
C3 7LI I . 10.64 2.34 -5.42
C4 7LI I . 10.41 3.62 -5.94
C5 7LI I . 9.44 3.80 -6.91
C6 7LI I . 8.72 2.72 -7.38
C7 7LI I . 8.94 1.43 -6.89
C8 7LI I . 9.92 1.23 -5.91
C9 7LI I . 11.26 -0.90 -5.89
C10 7LI I . 11.08 -2.39 -5.71
C11 7LI I . 10.72 -2.71 -4.26
C12 7LI I . 9.51 -1.91 -3.84
C13 7LI I . 9.71 -0.41 -4.01
C14 7LI I . 8.05 0.32 -7.23
C15 7LI I . 6.80 0.31 -7.72
C16 7LI I . 6.08 -0.97 -7.93
C17 7LI I . 4.34 0.58 -8.25
S SO4 J . -14.74 7.22 3.41
O1 SO4 J . -13.89 8.01 2.50
O2 SO4 J . -14.23 7.12 4.79
O3 SO4 J . -16.06 7.91 3.45
O4 SO4 J . -14.92 5.86 2.86
S SO4 K . 8.96 17.32 -5.61
O1 SO4 K . 7.89 16.38 -5.95
O2 SO4 K . 9.48 16.99 -4.28
O3 SO4 K . 10.05 17.22 -6.59
O4 SO4 K . 8.43 18.69 -5.61
#